data_5GMU
#
_entry.id   5GMU
#
_cell.length_a   35.685
_cell.length_b   47.049
_cell.length_c   56.797
_cell.angle_alpha   90.00
_cell.angle_beta   107.23
_cell.angle_gamma   90.00
#
_symmetry.space_group_name_H-M   'P 1 21 1'
#
loop_
_entity.id
_entity.type
_entity.pdbx_description
1 polymer 'Protein AroA(G)'
2 non-polymer '(1R,3R,4S,5R)-3-[3-[3,4-bis(oxidanyl)phenyl]propanoyloxy]-1,4,5-tris(oxidanyl)cyclohexane-1-carboxylic acid'
3 non-polymer 'SULFATE ION'
4 water water
#
_entity_poly.entity_id   1
_entity_poly.type   'polypeptide(L)'
_entity_poly.pdbx_seq_one_letter_code
;MSNTELELLRQKADELNLQILKLINERGNVVKEIGKAKEAQGVNRFDPVRERTMLNNIIENNDGPFENSTIQHIFKEIFK
AGLELQEEDH
;
_entity_poly.pdbx_strand_id   A,B
#
loop_
_chem_comp.id
_chem_comp.type
_chem_comp.name
_chem_comp.formula
7LH non-polymer '(1R,3R,4S,5R)-3-[3-[3,4-bis(oxidanyl)phenyl]propanoyloxy]-1,4,5-tris(oxidanyl)cyclohexane-1-carboxylic acid' 'C16 H20 O9'
SO4 non-polymer 'SULFATE ION' 'O4 S -2'
#
# COMPACT_ATOMS: atom_id res chain seq x y z
N THR A 4 -15.29 15.58 17.39
CA THR A 4 -16.33 14.54 17.21
C THR A 4 -15.60 13.19 17.01
N GLU A 5 -16.33 12.10 17.26
CA GLU A 5 -15.77 10.75 17.08
C GLU A 5 -15.31 10.49 15.65
N LEU A 6 -16.10 10.93 14.70
CA LEU A 6 -15.75 10.79 13.29
C LEU A 6 -14.44 11.54 12.97
N GLU A 7 -14.24 12.71 13.56
CA GLU A 7 -13.00 13.47 13.29
C GLU A 7 -11.80 12.76 13.94
N LEU A 8 -11.98 12.20 15.13
CA LEU A 8 -10.94 11.34 15.74
C LEU A 8 -10.57 10.12 14.90
N LEU A 9 -11.55 9.45 14.32
CA LEU A 9 -11.27 8.30 13.44
C LEU A 9 -10.56 8.72 12.17
N ARG A 10 -10.99 9.83 11.57
CA ARG A 10 -10.30 10.32 10.38
C ARG A 10 -8.83 10.67 10.71
N GLN A 11 -8.57 11.25 11.88
CA GLN A 11 -7.18 11.53 12.27
C GLN A 11 -6.33 10.29 12.38
N LYS A 12 -6.92 9.25 12.92
CA LYS A 12 -6.24 7.96 13.05
C LYS A 12 -5.93 7.35 11.67
N ALA A 13 -6.91 7.44 10.76
CA ALA A 13 -6.68 7.01 9.39
C ALA A 13 -5.61 7.86 8.69
N ASP A 14 -5.61 9.17 8.95
CA ASP A 14 -4.60 10.05 8.36
C ASP A 14 -3.19 9.63 8.82
N GLU A 15 -3.06 9.29 10.08
N GLU A 15 -3.07 9.29 10.08
CA GLU A 15 -1.73 8.92 10.60
CA GLU A 15 -1.73 8.91 10.62
C GLU A 15 -1.30 7.53 10.10
C GLU A 15 -1.31 7.54 10.10
N LEU A 16 -2.27 6.62 9.99
CA LEU A 16 -2.02 5.34 9.34
C LEU A 16 -1.55 5.52 7.87
N ASN A 17 -2.14 6.46 7.13
CA ASN A 17 -1.69 6.74 5.77
C ASN A 17 -0.19 7.04 5.78
N LEU A 18 0.25 7.86 6.72
CA LEU A 18 1.67 8.22 6.72
C LEU A 18 2.58 7.05 7.16
N GLN A 19 2.07 6.20 8.05
CA GLN A 19 2.81 4.97 8.41
C GLN A 19 2.97 4.04 7.23
N ILE A 20 1.91 3.93 6.43
CA ILE A 20 1.92 3.07 5.26
C ILE A 20 2.92 3.63 4.23
N LEU A 21 2.87 4.93 4.03
CA LEU A 21 3.76 5.61 3.12
C LEU A 21 5.20 5.36 3.53
N LYS A 22 5.51 5.48 4.81
CA LYS A 22 6.90 5.32 5.26
C LYS A 22 7.40 3.91 4.91
N LEU A 23 6.54 2.91 5.10
CA LEU A 23 6.94 1.52 4.77
C LEU A 23 7.03 1.26 3.26
N ILE A 24 6.11 1.81 2.47
CA ILE A 24 6.21 1.72 1.01
C ILE A 24 7.54 2.32 0.55
N ASN A 25 7.93 3.43 1.15
CA ASN A 25 9.21 4.06 0.79
C ASN A 25 10.43 3.24 1.20
N GLU A 26 10.42 2.69 2.41
CA GLU A 26 11.49 1.83 2.84
C GLU A 26 11.59 0.61 1.90
N ARG A 27 10.45 0.07 1.54
CA ARG A 27 10.38 -1.04 0.59
C ARG A 27 10.94 -0.64 -0.78
N GLY A 28 10.67 0.58 -1.21
CA GLY A 28 11.23 1.07 -2.45
C GLY A 28 12.73 1.13 -2.44
N ASN A 29 13.28 1.62 -1.35
CA ASN A 29 14.74 1.61 -1.21
C ASN A 29 15.33 0.18 -1.27
N VAL A 30 14.65 -0.77 -0.62
CA VAL A 30 15.07 -2.17 -0.72
C VAL A 30 15.04 -2.64 -2.18
N VAL A 31 13.95 -2.35 -2.87
CA VAL A 31 13.81 -2.84 -4.25
C VAL A 31 14.85 -2.17 -5.17
N LYS A 32 15.21 -0.93 -4.90
CA LYS A 32 16.30 -0.27 -5.62
C LYS A 32 17.61 -1.00 -5.43
N GLU A 33 17.87 -1.43 -4.19
CA GLU A 33 19.09 -2.18 -3.86
C GLU A 33 19.04 -3.54 -4.52
N ILE A 34 17.89 -4.17 -4.57
CA ILE A 34 17.75 -5.44 -5.31
C ILE A 34 18.16 -5.21 -6.78
N GLY A 35 17.70 -4.11 -7.38
CA GLY A 35 18.09 -3.78 -8.78
C GLY A 35 19.57 -3.66 -8.94
N LYS A 36 20.21 -2.98 -8.00
CA LYS A 36 21.65 -2.79 -8.05
C LYS A 36 22.37 -4.14 -7.96
N ALA A 37 21.93 -4.98 -7.06
CA ALA A 37 22.50 -6.32 -6.87
C ALA A 37 22.33 -7.21 -8.10
N LYS A 38 21.11 -7.27 -8.65
CA LYS A 38 20.80 -8.22 -9.71
C LYS A 38 21.39 -7.61 -10.97
N GLU A 39 22.50 -8.20 -11.37
CA GLU A 39 23.25 -7.79 -12.57
C GLU A 39 22.41 -7.79 -13.85
N GLN A 41 20.49 -8.75 -16.34
CA GLN A 41 19.25 -9.30 -16.87
C GLN A 41 18.94 -8.88 -18.35
N GLY A 42 17.84 -9.39 -18.89
CA GLY A 42 17.41 -9.10 -20.26
C GLY A 42 16.70 -7.74 -20.41
N VAL A 43 15.74 -7.67 -21.33
CA VAL A 43 15.08 -6.41 -21.66
C VAL A 43 14.44 -5.79 -20.44
N ASN A 44 13.95 -6.60 -19.49
CA ASN A 44 13.31 -6.02 -18.34
C ASN A 44 13.46 -6.97 -17.13
N ARG A 45 13.23 -6.43 -15.96
CA ARG A 45 13.47 -7.13 -14.70
C ARG A 45 12.23 -7.82 -14.14
N PHE A 46 11.13 -7.88 -14.91
CA PHE A 46 9.90 -8.48 -14.41
C PHE A 46 10.12 -9.98 -14.21
N ASP A 47 9.71 -10.46 -13.03
CA ASP A 47 9.83 -11.83 -12.63
C ASP A 47 8.47 -12.27 -12.07
N PRO A 48 7.66 -12.96 -12.91
CA PRO A 48 6.30 -13.32 -12.46
C PRO A 48 6.28 -14.36 -11.38
N VAL A 49 7.34 -15.16 -11.31
CA VAL A 49 7.40 -16.23 -10.28
C VAL A 49 7.59 -15.52 -8.90
N ARG A 50 8.52 -14.56 -8.87
CA ARG A 50 8.70 -13.67 -7.70
C ARG A 50 7.43 -12.96 -7.27
N GLU A 51 6.73 -12.37 -8.25
CA GLU A 51 5.50 -11.71 -7.97
C GLU A 51 4.51 -12.66 -7.28
N ARG A 52 4.31 -13.81 -7.90
CA ARG A 52 3.36 -14.82 -7.39
C ARG A 52 3.73 -15.33 -6.02
N THR A 53 5.03 -15.50 -5.77
CA THR A 53 5.55 -15.90 -4.44
C THR A 53 5.18 -14.85 -3.38
N MET A 54 5.37 -13.56 -3.70
CA MET A 54 5.05 -12.49 -2.76
C MET A 54 3.55 -12.42 -2.50
N LEU A 55 2.79 -12.49 -3.58
CA LEU A 55 1.35 -12.46 -3.48
C LEU A 55 0.82 -13.59 -2.65
N ASN A 56 1.28 -14.80 -2.90
CA ASN A 56 0.83 -15.97 -2.09
C ASN A 56 1.12 -15.76 -0.60
N ASN A 57 2.32 -15.29 -0.29
CA ASN A 57 2.69 -15.03 1.10
CA ASN A 57 2.72 -15.01 1.10
C ASN A 57 1.85 -13.94 1.76
N ILE A 58 1.54 -12.88 1.01
CA ILE A 58 0.66 -11.82 1.51
C ILE A 58 -0.75 -12.37 1.78
N ILE A 59 -1.30 -13.13 0.82
CA ILE A 59 -2.62 -13.71 0.99
C ILE A 59 -2.66 -14.72 2.15
N GLU A 60 -1.60 -15.52 2.30
CA GLU A 60 -1.46 -16.45 3.45
C GLU A 60 -1.68 -15.75 4.79
N ASN A 61 -1.22 -14.50 4.83
CA ASN A 61 -1.26 -13.63 6.00
C ASN A 61 -2.45 -12.66 6.08
N ASN A 62 -3.42 -12.79 5.17
CA ASN A 62 -4.53 -11.88 5.13
C ASN A 62 -5.68 -12.35 6.03
N ASP A 63 -5.69 -11.80 7.24
CA ASP A 63 -6.73 -12.02 8.24
C ASP A 63 -7.66 -10.79 8.35
N GLY A 64 -7.45 -9.78 7.50
CA GLY A 64 -7.91 -8.38 7.76
C GLY A 64 -9.24 -8.33 7.10
N PRO A 65 -9.78 -7.11 6.98
CA PRO A 65 -11.20 -7.07 6.61
C PRO A 65 -11.40 -7.13 5.11
N PHE A 66 -10.34 -7.01 4.34
CA PHE A 66 -10.45 -6.96 2.85
C PHE A 66 -10.39 -8.35 2.25
N GLU A 67 -11.06 -8.51 1.14
CA GLU A 67 -10.96 -9.72 0.32
C GLU A 67 -9.57 -9.90 -0.24
N ASN A 68 -9.21 -11.16 -0.48
CA ASN A 68 -7.86 -11.45 -1.05
C ASN A 68 -7.65 -10.73 -2.40
N SER A 69 -8.66 -10.72 -3.27
CA SER A 69 -8.51 -10.07 -4.59
C SER A 69 -8.20 -8.56 -4.46
N THR A 70 -8.81 -7.95 -3.45
CA THR A 70 -8.61 -6.49 -3.14
C THR A 70 -7.19 -6.23 -2.68
N ILE A 71 -6.75 -7.06 -1.75
CA ILE A 71 -5.38 -7.01 -1.27
C ILE A 71 -4.40 -7.24 -2.42
N GLN A 72 -4.66 -8.23 -3.26
CA GLN A 72 -3.81 -8.45 -4.45
C GLN A 72 -3.74 -7.22 -5.36
N HIS A 73 -4.89 -6.60 -5.64
N HIS A 73 -4.89 -6.60 -5.63
CA HIS A 73 -4.93 -5.39 -6.48
CA HIS A 73 -4.89 -5.40 -6.47
C HIS A 73 -4.00 -4.29 -5.93
C HIS A 73 -3.99 -4.29 -5.92
N ILE A 74 -4.10 -4.05 -4.62
CA ILE A 74 -3.29 -3.01 -3.97
C ILE A 74 -1.80 -3.39 -4.09
N PHE A 75 -1.46 -4.67 -3.78
CA PHE A 75 -0.02 -5.02 -3.81
C PHE A 75 0.55 -5.07 -5.21
N LYS A 76 -0.29 -5.37 -6.19
CA LYS A 76 0.19 -5.28 -7.59
C LYS A 76 0.59 -3.84 -7.97
N GLU A 77 -0.14 -2.87 -7.49
CA GLU A 77 0.26 -1.48 -7.69
C GLU A 77 1.57 -1.15 -6.97
N ILE A 78 1.75 -1.68 -5.76
CA ILE A 78 2.98 -1.49 -5.03
C ILE A 78 4.20 -2.10 -5.80
N PHE A 79 4.00 -3.30 -6.31
CA PHE A 79 5.02 -3.98 -7.11
C PHE A 79 5.31 -3.27 -8.40
N LYS A 80 4.27 -2.92 -9.15
CA LYS A 80 4.46 -2.18 -10.36
C LYS A 80 5.32 -0.94 -10.14
N ALA A 81 5.03 -0.21 -9.09
CA ALA A 81 5.84 0.92 -8.68
C ALA A 81 7.30 0.57 -8.41
N GLY A 82 7.53 -0.53 -7.70
CA GLY A 82 8.89 -1.00 -7.40
C GLY A 82 9.67 -1.26 -8.69
N LEU A 83 9.05 -1.97 -9.62
CA LEU A 83 9.71 -2.29 -10.88
CA LEU A 83 9.70 -2.29 -10.89
C LEU A 83 10.07 -1.03 -11.64
N GLU A 84 9.11 -0.10 -11.74
CA GLU A 84 9.36 1.18 -12.41
C GLU A 84 10.52 1.93 -11.78
N LEU A 85 10.59 1.92 -10.45
CA LEU A 85 11.71 2.53 -9.74
C LEU A 85 13.04 1.93 -10.12
N GLN A 86 13.11 0.60 -10.21
CA GLN A 86 14.34 -0.07 -10.60
C GLN A 86 14.72 0.30 -12.01
N GLU A 87 13.71 0.39 -12.88
N GLU A 87 13.71 0.39 -12.88
CA GLU A 87 13.95 0.63 -14.29
CA GLU A 87 13.91 0.71 -14.30
C GLU A 87 14.29 2.12 -14.60
C GLU A 87 14.33 2.15 -14.59
N GLU A 88 14.15 3.02 -13.61
CA GLU A 88 14.67 4.39 -13.67
C GLU A 88 16.18 4.40 -13.86
N SER B 2 23.27 -19.79 5.36
CA SER B 2 23.96 -18.96 4.34
C SER B 2 22.95 -18.39 3.30
N ASN B 3 23.05 -17.09 3.04
CA ASN B 3 22.29 -16.42 2.00
C ASN B 3 23.16 -15.54 1.09
N THR B 4 22.65 -15.26 -0.10
CA THR B 4 23.25 -14.28 -1.01
C THR B 4 22.73 -12.90 -0.64
N GLU B 5 23.37 -11.85 -1.16
CA GLU B 5 22.84 -10.47 -0.95
C GLU B 5 21.43 -10.28 -1.49
N LEU B 6 21.20 -10.83 -2.67
CA LEU B 6 19.88 -10.75 -3.28
C LEU B 6 18.83 -11.43 -2.41
N GLU B 7 19.19 -12.60 -1.81
CA GLU B 7 18.22 -13.32 -0.97
C GLU B 7 17.94 -12.50 0.33
N LEU B 8 18.98 -11.92 0.91
CA LEU B 8 18.81 -11.03 2.08
C LEU B 8 17.88 -9.83 1.82
N LEU B 9 18.04 -9.21 0.65
CA LEU B 9 17.20 -8.08 0.29
C LEU B 9 15.76 -8.51 0.01
N ARG B 10 15.59 -9.63 -0.68
CA ARG B 10 14.26 -10.13 -0.89
C ARG B 10 13.57 -10.46 0.43
N GLN B 11 14.29 -10.99 1.42
CA GLN B 11 13.67 -11.25 2.74
C GLN B 11 13.17 -10.00 3.41
N LYS B 12 13.92 -8.92 3.27
CA LYS B 12 13.52 -7.61 3.78
C LYS B 12 12.28 -7.10 3.07
N ALA B 13 12.22 -7.26 1.73
CA ALA B 13 11.00 -6.93 1.01
C ALA B 13 9.80 -7.78 1.42
N ASP B 14 10.04 -9.07 1.65
CA ASP B 14 8.98 -9.98 2.08
C ASP B 14 8.40 -9.50 3.40
N GLU B 15 9.28 -9.10 4.32
CA GLU B 15 8.82 -8.70 5.68
C GLU B 15 8.09 -7.34 5.60
N LEU B 16 8.61 -6.45 4.77
CA LEU B 16 7.92 -5.18 4.50
C LEU B 16 6.53 -5.37 3.93
N ASN B 17 6.36 -6.33 3.01
CA ASN B 17 5.04 -6.58 2.47
C ASN B 17 4.07 -6.90 3.62
N LEU B 18 4.50 -7.70 4.57
CA LEU B 18 3.61 -8.13 5.64
C LEU B 18 3.32 -6.97 6.61
N GLN B 19 4.30 -6.12 6.82
CA GLN B 19 4.11 -4.94 7.73
C GLN B 19 3.13 -3.97 7.04
N ILE B 20 3.22 -3.82 5.74
CA ILE B 20 2.32 -2.95 4.97
C ILE B 20 0.90 -3.49 5.05
N LEU B 21 0.76 -4.80 4.86
CA LEU B 21 -0.52 -5.45 4.96
C LEU B 21 -1.12 -5.21 6.33
N LYS B 22 -0.36 -5.36 7.38
CA LYS B 22 -0.90 -5.21 8.74
C LYS B 22 -1.47 -3.77 8.92
N LEU B 23 -0.78 -2.79 8.39
CA LEU B 23 -1.25 -1.39 8.51
C LEU B 23 -2.45 -1.07 7.62
N ILE B 24 -2.46 -1.62 6.40
CA ILE B 24 -3.66 -1.50 5.53
C ILE B 24 -4.85 -2.08 6.24
N ASN B 25 -4.66 -3.22 6.90
CA ASN B 25 -5.76 -3.87 7.64
C ASN B 25 -6.24 -3.09 8.86
N GLU B 26 -5.32 -2.58 9.64
CA GLU B 26 -5.65 -1.74 10.78
C GLU B 26 -6.43 -0.50 10.30
N ARG B 27 -5.93 0.08 9.20
CA ARG B 27 -6.61 1.23 8.63
C ARG B 27 -8.00 0.87 8.12
N GLY B 28 -8.15 -0.31 7.55
CA GLY B 28 -9.44 -0.77 7.06
C GLY B 28 -10.42 -0.91 8.19
N ASN B 29 -9.99 -1.41 9.33
CA ASN B 29 -10.90 -1.45 10.49
C ASN B 29 -11.35 -0.06 10.93
N VAL B 30 -10.45 0.91 10.91
CA VAL B 30 -10.83 2.29 11.17
C VAL B 30 -11.88 2.79 10.15
N VAL B 31 -11.59 2.55 8.86
CA VAL B 31 -12.50 2.99 7.81
C VAL B 31 -13.89 2.30 7.91
N LYS B 32 -13.92 1.05 8.36
CA LYS B 32 -15.16 0.35 8.59
C LYS B 32 -15.97 1.06 9.65
N GLU B 33 -15.30 1.49 10.71
CA GLU B 33 -16.00 2.19 11.81
C GLU B 33 -16.52 3.56 11.29
N ILE B 34 -15.69 4.24 10.50
CA ILE B 34 -16.12 5.47 9.87
C ILE B 34 -17.41 5.24 9.04
N GLY B 35 -17.45 4.15 8.29
CA GLY B 35 -18.59 3.82 7.43
C GLY B 35 -19.82 3.61 8.26
N LYS B 36 -19.68 2.92 9.38
CA LYS B 36 -20.85 2.67 10.25
C LYS B 36 -21.38 3.98 10.79
N ALA B 37 -20.48 4.86 11.23
CA ALA B 37 -20.86 6.18 11.75
C ALA B 37 -21.57 7.05 10.69
N LYS B 38 -20.98 7.14 9.49
CA LYS B 38 -21.71 7.71 8.34
C LYS B 38 -23.11 7.12 8.05
N GLU B 39 -23.23 5.78 8.00
CA GLU B 39 -24.48 5.08 7.80
C GLU B 39 -25.53 5.45 8.86
N ALA B 40 -25.11 5.59 10.11
CA ALA B 40 -26.06 5.92 11.19
C ALA B 40 -26.61 7.35 10.99
N GLN B 41 -25.80 8.22 10.38
CA GLN B 41 -26.17 9.61 10.06
C GLN B 41 -26.82 9.84 8.70
N GLY B 42 -26.94 8.82 7.86
CA GLY B 42 -27.49 8.99 6.49
C GLY B 42 -26.60 9.73 5.48
N VAL B 43 -25.31 9.76 5.77
CA VAL B 43 -24.32 10.52 4.96
C VAL B 43 -23.71 9.63 3.89
N ASN B 44 -23.68 10.15 2.66
CA ASN B 44 -23.05 9.44 1.53
C ASN B 44 -21.65 9.01 1.95
N ARG B 45 -21.28 7.75 1.72
CA ARG B 45 -19.97 7.28 2.11
C ARG B 45 -18.84 7.92 1.26
N PHE B 46 -19.05 7.99 -0.03
CA PHE B 46 -17.97 8.52 -0.90
C PHE B 46 -17.91 10.03 -0.72
N ASP B 47 -16.70 10.55 -0.50
CA ASP B 47 -16.48 11.97 -0.26
C ASP B 47 -15.25 12.40 -1.04
N PRO B 48 -15.43 13.04 -2.22
CA PRO B 48 -14.27 13.36 -3.07
C PRO B 48 -13.36 14.46 -2.47
N VAL B 49 -13.93 15.27 -1.60
CA VAL B 49 -13.14 16.33 -0.95
C VAL B 49 -12.16 15.67 0.02
N ARG B 50 -12.67 14.73 0.81
CA ARG B 50 -11.85 13.89 1.71
C ARG B 50 -10.76 13.15 0.96
N GLU B 51 -11.11 12.53 -0.16
CA GLU B 51 -10.15 11.84 -0.98
C GLU B 51 -8.98 12.78 -1.35
N ARG B 52 -9.35 13.91 -1.93
CA ARG B 52 -8.39 14.88 -2.45
C ARG B 52 -7.50 15.45 -1.31
N THR B 53 -8.12 15.69 -0.16
CA THR B 53 -7.41 16.19 1.02
C THR B 53 -6.36 15.16 1.50
N MET B 54 -6.74 13.89 1.53
CA MET B 54 -5.79 12.81 1.95
C MET B 54 -4.68 12.68 0.96
N LEU B 55 -5.01 12.70 -0.33
CA LEU B 55 -4.02 12.63 -1.37
C LEU B 55 -3.01 13.76 -1.27
N ASN B 56 -3.49 14.99 -1.15
CA ASN B 56 -2.60 16.13 -1.01
C ASN B 56 -1.67 16.02 0.22
N ASN B 57 -2.23 15.61 1.34
CA ASN B 57 -1.44 15.40 2.56
C ASN B 57 -0.38 14.32 2.42
N ILE B 58 -0.72 13.21 1.75
CA ILE B 58 0.24 12.14 1.48
C ILE B 58 1.36 12.67 0.59
N ILE B 59 1.02 13.37 -0.48
CA ILE B 59 2.04 13.94 -1.38
C ILE B 59 2.92 14.99 -0.70
N GLU B 60 2.30 15.83 0.14
N GLU B 60 2.33 15.92 0.03
CA GLU B 60 3.02 16.86 0.92
CA GLU B 60 3.12 16.90 0.77
C GLU B 60 4.14 16.21 1.74
C GLU B 60 4.14 16.23 1.73
N ASN B 61 3.82 15.02 2.22
CA ASN B 61 4.73 14.21 3.09
C ASN B 61 5.55 13.14 2.40
N ASN B 62 5.63 13.17 1.06
CA ASN B 62 6.34 12.18 0.31
C ASN B 62 7.80 12.58 0.12
N ASP B 63 8.67 11.87 0.80
CA ASP B 63 10.10 12.12 0.79
C ASP B 63 10.91 11.14 -0.03
N GLY B 64 10.22 10.13 -0.57
CA GLY B 64 10.63 8.53 -0.48
C GLY B 64 11.12 8.51 -1.84
N PRO B 65 11.43 7.32 -2.35
CA PRO B 65 12.07 7.38 -3.69
C PRO B 65 11.05 7.41 -4.81
N PHE B 66 9.76 7.23 -4.50
CA PHE B 66 8.70 7.22 -5.54
C PHE B 66 8.21 8.61 -5.89
N GLU B 67 7.83 8.80 -7.15
CA GLU B 67 7.14 10.01 -7.59
C GLU B 67 5.78 10.19 -6.89
N ASN B 68 5.38 11.44 -6.77
CA ASN B 68 4.07 11.75 -6.20
C ASN B 68 2.93 11.03 -6.91
N SER B 69 2.94 10.99 -8.22
CA SER B 69 1.87 10.36 -9.00
C SER B 69 1.76 8.86 -8.71
N THR B 70 2.91 8.26 -8.49
CA THR B 70 3.02 6.78 -8.17
C THR B 70 2.43 6.50 -6.82
N ILE B 71 2.82 7.35 -5.86
CA ILE B 71 2.25 7.25 -4.51
C ILE B 71 0.74 7.48 -4.56
N GLN B 72 0.30 8.47 -5.30
CA GLN B 72 -1.16 8.70 -5.46
C GLN B 72 -1.88 7.51 -6.06
N HIS B 73 -1.32 6.88 -7.08
N HIS B 73 -1.32 6.87 -7.06
CA HIS B 73 -1.94 5.69 -7.71
CA HIS B 73 -2.06 5.74 -7.64
C HIS B 73 -2.15 4.58 -6.65
C HIS B 73 -2.15 4.53 -6.68
N ILE B 74 -1.12 4.32 -5.85
CA ILE B 74 -1.19 3.29 -4.82
C ILE B 74 -2.26 3.68 -3.83
N PHE B 75 -2.24 4.93 -3.32
CA PHE B 75 -3.24 5.30 -2.27
C PHE B 75 -4.65 5.35 -2.79
N LYS B 76 -4.82 5.68 -4.08
CA LYS B 76 -6.18 5.61 -4.68
C LYS B 76 -6.74 4.19 -4.64
N GLU B 77 -5.88 3.20 -4.86
CA GLU B 77 -6.31 1.82 -4.72
C GLU B 77 -6.68 1.47 -3.27
N ILE B 78 -5.89 1.96 -2.34
CA ILE B 78 -6.19 1.75 -0.94
C ILE B 78 -7.57 2.37 -0.54
N PHE B 79 -7.80 3.60 -0.99
CA PHE B 79 -9.08 4.28 -0.77
C PHE B 79 -10.24 3.60 -1.42
N LYS B 80 -10.10 3.26 -2.70
CA LYS B 80 -11.14 2.55 -3.36
C LYS B 80 -11.55 1.27 -2.60
N ALA B 81 -10.54 0.55 -2.11
CA ALA B 81 -10.79 -0.61 -1.29
C ALA B 81 -11.55 -0.28 0.02
N GLY B 82 -11.15 0.82 0.66
CA GLY B 82 -11.86 1.32 1.84
C GLY B 82 -13.35 1.52 1.60
N LEU B 83 -13.66 2.22 0.52
CA LEU B 83 -15.04 2.48 0.15
C LEU B 83 -15.81 1.19 -0.12
N GLU B 84 -15.21 0.29 -0.86
CA GLU B 84 -15.80 -1.05 -1.13
C GLU B 84 -16.13 -1.78 0.21
N LEU B 85 -15.21 -1.71 1.17
CA LEU B 85 -15.43 -2.30 2.48
C LEU B 85 -16.63 -1.68 3.19
N GLN B 86 -16.74 -0.36 3.12
CA GLN B 86 -17.87 0.32 3.74
C GLN B 86 -19.17 -0.03 3.08
N GLU B 87 -19.12 -0.20 1.77
CA GLU B 87 -20.31 -0.54 0.99
C GLU B 87 -20.75 -2.00 1.09
N GLU B 88 -19.92 -2.89 1.63
CA GLU B 88 -20.33 -4.31 1.88
C GLU B 88 -21.39 -4.35 2.97
CAX 7LH C . 4.17 -4.94 -12.89
CAV 7LH C . 3.36 -4.28 -13.80
OAW 7LH C . 3.93 -3.56 -14.86
CAT 7LH C . 1.98 -4.25 -13.62
OAU 7LH C . 1.18 -3.54 -14.51
CAS 7LH C . 1.41 -4.92 -12.55
CAR 7LH C . 2.20 -5.60 -11.65
CAQ 7LH C . 3.57 -5.62 -11.81
CAP 7LH C . 4.33 -6.44 -10.77
CAO 7LH C . 5.80 -6.51 -11.03
CAM 7LH C . 6.53 -7.42 -10.06
OAN 7LH C . 6.05 -8.13 -9.22
OAL 7LH C . 7.89 -7.36 -10.17
CAK 7LH C . 8.68 -8.09 -9.24
CAY 7LH C . 8.53 -7.42 -7.85
CAD 7LH C . 9.07 -6.02 -7.81
CAB 7LH C . 8.95 -5.53 -6.37
OAC 7LH C . 9.43 -6.30 -5.37
OAA 7LH C . 8.45 -4.28 -6.15
OAE 7LH C . 8.25 -5.19 -8.60
CAF 7LH C . 10.56 -5.94 -8.25
CAG 7LH C . 10.62 -6.50 -9.68
OAH 7LH C . 11.97 -6.51 -10.15
CAI 7LH C . 10.13 -7.94 -9.72
OAJ 7LH C . 10.18 -8.37 -11.05
S SO4 D . -5.35 -7.79 -10.83
O1 SO4 D . -4.51 -8.59 -11.74
O2 SO4 D . -4.93 -6.36 -10.87
O3 SO4 D . -5.19 -8.30 -9.44
O4 SO4 D . -6.77 -7.91 -11.23
CAX 7LH E . -13.34 5.15 -4.94
CAV 7LH E . -13.55 4.48 -6.15
OAW 7LH E . -14.57 3.53 -6.28
CAT 7LH E . -12.75 4.78 -7.27
OAU 7LH E . -12.95 4.13 -8.49
CAS 7LH E . -11.72 5.71 -7.18
CAR 7LH E . -11.50 6.37 -5.97
CAQ 7LH E . -12.30 6.09 -4.85
CAP 7LH E . -11.93 6.89 -3.61
CAO 7LH E . -12.82 6.65 -2.42
CAM 7LH E . -12.39 7.57 -1.31
OAN 7LH E . -11.43 8.30 -1.32
OAL 7LH E . -13.26 7.54 -0.23
CAK 7LH E . -12.93 8.24 0.95
CAY 7LH E . -11.71 7.52 1.58
CAD 7LH E . -12.03 6.14 2.11
CAB 7LH E . -10.75 5.67 2.79
OAC 7LH E . -10.40 4.37 2.56
OAA 7LH E . -10.32 6.33 3.91
OAE 7LH E . -12.25 5.23 1.07
CAF 7LH E . -13.27 6.13 3.05
CAG 7LH E . -14.48 6.69 2.27
OAH 7LH E . -15.62 6.73 3.10
CAI 7LH E . -14.19 8.14 1.83
OAJ 7LH E . -15.28 8.64 1.08
#